data_9GXY
#
_entry.id   9GXY
#
_cell.length_a   46.343
_cell.length_b   47.734
_cell.length_c   50.706
_cell.angle_alpha   66.580
_cell.angle_beta   89.780
_cell.angle_gamma   88.990
#
_symmetry.space_group_name_H-M   'P 1'
#
loop_
_entity.id
_entity.type
_entity.pdbx_description
1 polymer "Casein kinase II subunit alpha'"
2 non-polymer '5-[[8-(oxidanylamino)-8-oxidanylidene-octyl]amino]benzo[c][2,6]naphthyridine-8-carboxylic acid'
3 water water
#
_entity_poly.entity_id   1
_entity_poly.type   'polypeptide(L)'
_entity_poly.pdbx_seq_one_letter_code
;MGSSHHHHHHSQDPMPGPAAGSRARVYAEVNSLRSREYWDYEAHVPSWGNQDDYQLVRKLGRGKYSEVFEAINITNNERV
VVKILKPVKKKKIKREVKILENLRGGTNIIKLIDTVKDPVSKTPALVFEYINNTDFKQLYQILTDFDIRFYMYELLKALD
YCHSKGIMHRDVKPHNVMIDHQQKKLRLIDWGLAEFYHPAQEYNVRVASRYFKGPELLVDYQMYDYSLDMWSLGCMLASM
IFRREPFFHGQDNYDQLVRIAKVLGTEELYGYLKKYHIDLDPHFNDILGQHSRKRWENFIHSENRHLVSPEALDLLDKLL
RYDHQQRLTAKEAMEHPYFYPVVKEQSQPSADNAVLSSGLTAAR
;
_entity_poly.pdbx_strand_id   A
#
# COMPACT_ATOMS: atom_id res chain seq x y z
N GLY A 21 -24.38 4.54 -1.54
CA GLY A 21 -23.09 4.93 -2.09
C GLY A 21 -22.21 3.77 -2.55
N SER A 22 -21.20 3.45 -1.75
CA SER A 22 -20.30 2.34 -2.02
C SER A 22 -19.91 1.74 -0.67
N ARG A 23 -19.73 0.42 -0.62
N ARG A 23 -19.72 0.43 -0.63
CA ARG A 23 -19.18 -0.25 0.56
CA ARG A 23 -19.23 -0.31 0.54
C ARG A 23 -18.22 -1.34 0.11
C ARG A 23 -18.18 -1.31 0.06
N ALA A 24 -17.28 -1.66 0.98
CA ALA A 24 -16.36 -2.76 0.74
C ALA A 24 -17.13 -4.09 0.59
N ARG A 25 -16.65 -4.97 -0.29
CA ARG A 25 -17.25 -6.31 -0.48
C ARG A 25 -16.81 -7.29 0.59
N VAL A 26 -15.73 -6.99 1.31
CA VAL A 26 -15.24 -7.85 2.37
C VAL A 26 -14.90 -6.94 3.54
N TYR A 27 -15.02 -7.50 4.74
N TYR A 27 -14.97 -7.51 4.74
CA TYR A 27 -14.53 -6.83 5.93
CA TYR A 27 -14.58 -6.83 5.99
C TYR A 27 -15.25 -5.51 6.18
C TYR A 27 -15.27 -5.48 6.15
N ALA A 28 -16.48 -5.35 5.65
CA ALA A 28 -17.10 -4.04 5.64
C ALA A 28 -17.44 -3.61 7.05
N GLU A 29 -17.96 -4.51 7.87
CA GLU A 29 -18.46 -4.17 9.21
C GLU A 29 -17.51 -4.57 10.30
N VAL A 30 -16.29 -4.94 9.97
CA VAL A 30 -15.46 -5.59 10.95
C VAL A 30 -15.13 -4.65 12.11
N ASN A 31 -14.89 -3.35 11.86
CA ASN A 31 -14.61 -2.46 12.98
C ASN A 31 -15.84 -2.22 13.82
N SER A 32 -17.02 -2.14 13.22
N SER A 32 -17.01 -2.12 13.19
CA SER A 32 -18.23 -1.94 14.02
CA SER A 32 -18.25 -1.98 13.93
C SER A 32 -18.56 -3.15 14.90
C SER A 32 -18.45 -3.11 14.92
N LEU A 33 -18.02 -4.32 14.55
CA LEU A 33 -18.20 -5.52 15.35
C LEU A 33 -17.19 -5.65 16.46
N ARG A 34 -16.17 -4.80 16.49
CA ARG A 34 -15.19 -4.80 17.56
C ARG A 34 -15.48 -3.73 18.60
N SER A 35 -14.84 -3.85 19.77
CA SER A 35 -14.95 -2.81 20.78
C SER A 35 -14.56 -1.47 20.17
N ARG A 36 -15.24 -0.42 20.65
CA ARG A 36 -14.91 0.92 20.17
C ARG A 36 -13.43 1.25 20.39
N GLU A 37 -12.86 0.77 21.49
CA GLU A 37 -11.45 1.07 21.72
C GLU A 37 -10.52 0.57 20.63
N TYR A 38 -10.93 -0.44 19.87
CA TYR A 38 -10.09 -0.94 18.78
C TYR A 38 -9.82 0.14 17.74
N TRP A 39 -10.85 0.88 17.34
CA TRP A 39 -10.76 1.82 16.24
C TRP A 39 -10.74 3.27 16.69
N ASP A 40 -11.09 3.57 17.93
CA ASP A 40 -11.16 4.95 18.40
C ASP A 40 -9.77 5.40 18.83
N TYR A 41 -8.92 5.63 17.81
CA TYR A 41 -7.49 5.91 18.10
C TYR A 41 -7.27 7.24 18.82
N GLU A 42 -8.18 8.20 18.71
CA GLU A 42 -8.00 9.46 19.44
C GLU A 42 -8.01 9.22 20.93
N ALA A 43 -8.65 8.14 21.39
CA ALA A 43 -8.71 7.79 22.81
C ALA A 43 -7.57 6.89 23.25
N HIS A 44 -6.69 6.49 22.33
CA HIS A 44 -5.62 5.59 22.67
C HIS A 44 -4.54 6.32 23.46
N VAL A 45 -4.05 5.67 24.51
CA VAL A 45 -2.99 6.20 25.35
C VAL A 45 -1.78 5.27 25.23
N PRO A 46 -0.85 5.58 24.37
CA PRO A 46 0.34 4.74 24.25
C PRO A 46 1.17 4.77 25.52
N SER A 47 1.98 3.73 25.68
N SER A 47 1.90 3.68 25.75
CA SER A 47 2.93 3.63 26.79
CA SER A 47 2.92 3.65 26.78
C SER A 47 4.30 4.00 26.24
C SER A 47 4.21 4.08 26.11
N TRP A 48 4.75 5.23 26.52
CA TRP A 48 5.95 5.76 25.89
C TRP A 48 7.17 5.35 26.72
N GLY A 49 8.05 4.53 26.14
CA GLY A 49 9.30 4.16 26.78
C GLY A 49 10.39 5.19 26.54
N ASN A 50 11.61 4.80 26.88
CA ASN A 50 12.74 5.73 26.93
C ASN A 50 13.59 5.59 25.68
N GLN A 51 13.65 6.66 24.87
CA GLN A 51 14.45 6.62 23.66
C GLN A 51 15.94 6.55 23.95
N ASP A 52 16.34 6.85 25.16
CA ASP A 52 17.77 6.85 25.49
C ASP A 52 18.39 5.46 25.40
N ASP A 53 17.57 4.39 25.32
CA ASP A 53 18.09 3.05 25.12
C ASP A 53 18.60 2.81 23.71
N TYR A 54 18.43 3.76 22.79
CA TYR A 54 18.75 3.57 21.38
C TYR A 54 19.85 4.53 20.95
N GLN A 55 20.88 4.00 20.32
CA GLN A 55 21.95 4.81 19.75
C GLN A 55 21.77 4.90 18.25
N LEU A 56 21.60 6.11 17.74
CA LEU A 56 21.42 6.31 16.30
C LEU A 56 22.75 6.16 15.59
N VAL A 57 22.77 5.36 14.54
N VAL A 57 22.72 5.38 14.51
CA VAL A 57 24.01 5.14 13.81
CA VAL A 57 23.92 5.04 13.73
C VAL A 57 24.01 5.69 12.39
C VAL A 57 23.97 5.83 12.44
N ARG A 58 22.85 5.87 11.74
CA ARG A 58 22.89 6.40 10.38
C ARG A 58 21.50 6.87 10.02
N LYS A 59 21.38 7.97 9.33
CA LYS A 59 20.09 8.42 8.83
C LYS A 59 19.76 7.63 7.57
N LEU A 60 18.57 7.04 7.51
CA LEU A 60 18.15 6.28 6.34
C LEU A 60 17.22 7.05 5.42
N GLY A 61 16.44 7.98 5.95
CA GLY A 61 15.54 8.72 5.09
C GLY A 61 14.79 9.77 5.88
N ARG A 62 14.17 10.67 5.14
CA ARG A 62 13.51 11.81 5.73
C ARG A 62 12.29 12.13 4.90
N GLY A 63 11.19 12.43 5.60
CA GLY A 63 9.96 12.82 4.95
C GLY A 63 9.36 14.03 5.63
N LYS A 64 8.19 14.44 5.12
CA LYS A 64 7.53 15.62 5.66
C LYS A 64 7.26 15.50 7.15
N TYR A 65 6.94 14.31 7.63
CA TYR A 65 6.49 14.14 9.01
C TYR A 65 7.40 13.24 9.86
N SER A 66 8.51 12.73 9.33
CA SER A 66 9.26 11.74 10.08
C SER A 66 10.66 11.66 9.50
N GLU A 67 11.58 11.12 10.31
CA GLU A 67 12.90 10.77 9.81
C GLU A 67 13.23 9.41 10.39
N VAL A 68 13.88 8.57 9.59
CA VAL A 68 14.19 7.22 10.00
C VAL A 68 15.69 7.03 10.10
N PHE A 69 16.15 6.46 11.23
CA PHE A 69 17.55 6.17 11.47
C PHE A 69 17.74 4.69 11.74
N GLU A 70 18.84 4.14 11.24
CA GLU A 70 19.32 2.88 11.74
C GLU A 70 19.86 3.14 13.13
N ALA A 71 19.62 2.20 14.04
CA ALA A 71 19.99 2.38 15.45
C ALA A 71 20.35 1.06 16.09
N ILE A 72 21.01 1.13 17.24
N ILE A 72 20.95 1.11 17.26
CA ILE A 72 21.30 -0.03 18.07
CA ILE A 72 21.25 -0.10 18.04
C ILE A 72 20.58 0.16 19.40
C ILE A 72 20.71 0.07 19.45
N ASN A 73 19.88 -0.87 19.87
CA ASN A 73 19.40 -0.88 21.26
C ASN A 73 20.59 -1.23 22.14
N ILE A 74 21.01 -0.31 23.00
CA ILE A 74 22.24 -0.51 23.76
C ILE A 74 22.09 -1.52 24.89
N THR A 75 20.87 -1.90 25.24
CA THR A 75 20.70 -2.87 26.32
C THR A 75 20.80 -4.30 25.82
N ASN A 76 20.61 -4.55 24.52
CA ASN A 76 20.70 -5.91 23.99
C ASN A 76 21.44 -6.00 22.66
N ASN A 77 22.04 -4.91 22.19
CA ASN A 77 22.84 -4.84 20.97
C ASN A 77 22.03 -5.16 19.71
N GLU A 78 20.71 -5.09 19.76
CA GLU A 78 19.91 -5.38 18.58
C GLU A 78 19.89 -4.18 17.63
N ARG A 79 20.08 -4.42 16.33
CA ARG A 79 19.91 -3.38 15.33
C ARG A 79 18.43 -3.22 15.02
N VAL A 80 17.98 -1.98 14.96
CA VAL A 80 16.60 -1.58 14.76
C VAL A 80 16.59 -0.33 13.89
N VAL A 81 15.40 0.17 13.59
CA VAL A 81 15.24 1.49 13.03
C VAL A 81 14.39 2.32 13.98
N VAL A 82 14.70 3.61 14.06
CA VAL A 82 13.96 4.57 14.88
C VAL A 82 13.39 5.61 13.95
N LYS A 83 12.08 5.78 14.00
CA LYS A 83 11.36 6.72 13.18
C LYS A 83 10.91 7.85 14.12
N ILE A 84 11.57 8.99 14.02
CA ILE A 84 11.29 10.12 14.87
C ILE A 84 10.16 10.89 14.22
N LEU A 85 9.09 11.12 14.97
CA LEU A 85 7.89 11.77 14.44
C LEU A 85 7.93 13.26 14.73
N LYS A 86 7.81 14.08 13.69
CA LYS A 86 7.53 15.50 13.93
C LYS A 86 6.41 15.61 14.97
N PRO A 87 6.72 16.06 16.19
CA PRO A 87 5.70 16.01 17.25
C PRO A 87 4.54 16.91 16.91
N VAL A 88 3.45 16.76 17.67
CA VAL A 88 2.27 17.65 17.63
C VAL A 88 1.25 17.33 16.54
N LYS A 89 1.62 16.50 15.55
CA LYS A 89 0.57 15.83 14.77
C LYS A 89 -0.05 14.73 15.64
N LYS A 90 -0.64 15.15 16.76
CA LYS A 90 -0.96 14.23 17.86
C LYS A 90 -1.98 13.17 17.42
N LYS A 91 -3.03 13.59 16.72
CA LYS A 91 -4.05 12.65 16.28
C LYS A 91 -3.46 11.63 15.32
N LYS A 92 -2.60 12.09 14.40
CA LYS A 92 -2.00 11.22 13.42
C LYS A 92 -0.98 10.26 14.05
N ILE A 93 -0.31 10.71 15.12
CA ILE A 93 0.58 9.80 15.83
C ILE A 93 -0.20 8.71 16.53
N LYS A 94 -1.29 9.07 17.20
CA LYS A 94 -2.13 8.07 17.85
C LYS A 94 -2.68 7.10 16.83
N ARG A 95 -3.06 7.59 15.64
CA ARG A 95 -3.58 6.71 14.61
C ARG A 95 -2.55 5.68 14.20
N GLU A 96 -1.34 6.13 13.86
CA GLU A 96 -0.32 5.17 13.42
C GLU A 96 0.02 4.18 14.51
N VAL A 97 0.14 4.68 15.76
CA VAL A 97 0.45 3.80 16.87
C VAL A 97 -0.64 2.75 17.07
N LYS A 98 -1.90 3.18 17.12
CA LYS A 98 -3.00 2.24 17.35
C LYS A 98 -3.08 1.21 16.23
N ILE A 99 -2.92 1.66 14.98
CA ILE A 99 -2.94 0.73 13.87
C ILE A 99 -1.84 -0.31 14.01
N LEU A 100 -0.62 0.13 14.31
CA LEU A 100 0.46 -0.85 14.49
C LEU A 100 0.19 -1.79 15.67
N GLU A 101 -0.38 -1.30 16.76
N GLU A 101 -0.39 -1.32 16.76
CA GLU A 101 -0.75 -2.18 17.85
CA GLU A 101 -0.68 -2.28 17.82
C GLU A 101 -1.74 -3.24 17.35
C GLU A 101 -1.77 -3.26 17.40
N ASN A 102 -2.75 -2.79 16.63
CA ASN A 102 -3.78 -3.71 16.16
C ASN A 102 -3.24 -4.74 15.20
N LEU A 103 -2.21 -4.41 14.44
CA LEU A 103 -1.61 -5.29 13.45
C LEU A 103 -0.53 -6.18 14.05
N ARG A 104 -0.32 -6.12 15.38
CA ARG A 104 0.76 -6.87 16.04
C ARG A 104 0.76 -8.33 15.59
N GLY A 105 1.93 -8.79 15.12
CA GLY A 105 2.11 -10.15 14.67
C GLY A 105 1.61 -10.46 13.28
N GLY A 106 1.00 -9.49 12.58
CA GLY A 106 0.49 -9.74 11.24
C GLY A 106 1.59 -10.13 10.25
N THR A 107 1.22 -11.03 9.35
CA THR A 107 2.16 -11.60 8.39
C THR A 107 2.72 -10.52 7.47
N ASN A 108 4.04 -10.38 7.51
CA ASN A 108 4.76 -9.48 6.60
C ASN A 108 4.48 -8.02 6.86
N ILE A 109 3.95 -7.68 8.03
CA ILE A 109 3.82 -6.29 8.42
C ILE A 109 5.02 -5.90 9.26
N ILE A 110 5.63 -4.76 8.97
CA ILE A 110 6.83 -4.37 9.73
C ILE A 110 6.53 -4.41 11.22
N LYS A 111 7.42 -5.03 11.97
CA LYS A 111 7.21 -5.21 13.40
C LYS A 111 7.56 -3.96 14.20
N LEU A 112 6.56 -3.39 14.87
CA LEU A 112 6.77 -2.32 15.85
C LEU A 112 7.31 -2.94 17.14
N ILE A 113 8.52 -2.57 17.52
CA ILE A 113 9.18 -3.08 18.72
C ILE A 113 8.82 -2.23 19.93
N ASP A 114 8.77 -0.90 19.78
CA ASP A 114 8.42 -0.07 20.91
C ASP A 114 8.01 1.31 20.45
N THR A 115 7.33 2.03 21.34
CA THR A 115 6.93 3.43 21.19
C THR A 115 7.70 4.18 22.28
N VAL A 116 8.57 5.12 21.90
CA VAL A 116 9.46 5.76 22.86
C VAL A 116 9.41 7.28 22.71
N LYS A 117 9.88 7.97 23.74
CA LYS A 117 10.06 9.42 23.69
C LYS A 117 11.43 9.79 24.21
N ASP A 118 11.99 10.87 23.67
CA ASP A 118 13.10 11.55 24.32
C ASP A 118 12.57 11.96 25.70
N PRO A 119 13.19 11.53 26.79
CA PRO A 119 12.59 11.79 28.11
C PRO A 119 12.59 13.27 28.51
N VAL A 120 13.34 14.13 27.83
CA VAL A 120 13.36 15.55 28.13
C VAL A 120 12.44 16.34 27.22
N SER A 121 12.59 16.20 25.89
CA SER A 121 11.76 16.97 24.96
C SER A 121 10.38 16.36 24.78
N LYS A 122 10.21 15.07 25.09
CA LYS A 122 8.97 14.33 24.90
C LYS A 122 8.65 14.09 23.42
N THR A 123 9.61 14.27 22.50
CA THR A 123 9.36 14.01 21.09
C THR A 123 9.17 12.51 20.92
N PRO A 124 8.13 12.06 20.22
CA PRO A 124 7.87 10.62 20.11
C PRO A 124 8.59 10.01 18.93
N ALA A 125 8.84 8.72 19.06
CA ALA A 125 9.47 7.96 18.00
C ALA A 125 8.95 6.53 18.05
N LEU A 126 8.99 5.86 16.91
CA LEU A 126 8.60 4.47 16.81
C LEU A 126 9.83 3.64 16.50
N VAL A 127 9.97 2.51 17.18
CA VAL A 127 11.12 1.64 16.96
C VAL A 127 10.63 0.41 16.22
N PHE A 128 11.24 0.10 15.08
CA PHE A 128 10.84 -1.02 14.22
C PHE A 128 11.99 -2.01 14.08
N GLU A 129 11.66 -3.24 13.72
CA GLU A 129 12.70 -4.15 13.26
C GLU A 129 13.42 -3.60 12.02
N TYR A 130 14.68 -3.99 11.91
CA TYR A 130 15.54 -3.62 10.78
C TYR A 130 15.43 -4.70 9.71
N ILE A 131 15.23 -4.28 8.47
CA ILE A 131 15.22 -5.19 7.32
C ILE A 131 16.33 -4.75 6.38
N ASN A 132 17.21 -5.66 5.97
CA ASN A 132 18.29 -5.30 5.05
C ASN A 132 17.77 -5.34 3.62
N ASN A 133 17.14 -4.26 3.21
CA ASN A 133 16.43 -4.33 1.93
C ASN A 133 17.33 -4.01 0.75
N THR A 134 16.94 -4.55 -0.39
CA THR A 134 17.56 -4.28 -1.66
C THR A 134 16.72 -3.21 -2.32
N ASP A 135 17.37 -2.11 -2.74
CA ASP A 135 16.57 -1.03 -3.30
C ASP A 135 15.81 -1.51 -4.53
N PHE A 136 14.53 -1.12 -4.60
CA PHE A 136 13.66 -1.73 -5.59
C PHE A 136 14.10 -1.40 -7.01
N LYS A 137 14.76 -0.26 -7.21
CA LYS A 137 15.16 0.09 -8.58
C LYS A 137 16.14 -0.93 -9.15
N GLN A 138 17.09 -1.38 -8.32
CA GLN A 138 17.99 -2.46 -8.71
C GLN A 138 17.28 -3.80 -8.71
N LEU A 139 16.49 -4.07 -7.66
CA LEU A 139 15.90 -5.39 -7.51
C LEU A 139 14.97 -5.73 -8.67
N TYR A 140 14.09 -4.80 -9.05
CA TYR A 140 13.06 -5.14 -10.02
C TYR A 140 13.67 -5.53 -11.35
N GLN A 141 14.89 -5.10 -11.63
CA GLN A 141 15.51 -5.45 -12.90
C GLN A 141 16.00 -6.89 -12.96
N ILE A 142 16.15 -7.57 -11.81
CA ILE A 142 16.69 -8.92 -11.78
C ILE A 142 15.67 -9.96 -11.34
N LEU A 143 14.43 -9.59 -11.08
CA LEU A 143 13.46 -10.56 -10.62
C LEU A 143 13.09 -11.54 -11.73
N THR A 144 12.98 -12.83 -11.36
CA THR A 144 12.46 -13.85 -12.26
C THR A 144 10.94 -13.93 -12.14
N ASP A 145 10.33 -14.70 -13.05
CA ASP A 145 8.89 -14.97 -12.96
C ASP A 145 8.50 -15.49 -11.58
N PHE A 146 9.21 -16.50 -11.09
CA PHE A 146 8.88 -17.06 -9.79
C PHE A 146 9.08 -16.01 -8.69
N ASP A 147 10.16 -15.19 -8.75
CA ASP A 147 10.37 -14.16 -7.74
C ASP A 147 9.19 -13.24 -7.65
N ILE A 148 8.67 -12.79 -8.79
CA ILE A 148 7.57 -11.86 -8.77
C ILE A 148 6.34 -12.50 -8.13
N ARG A 149 6.02 -13.74 -8.55
CA ARG A 149 4.91 -14.43 -7.93
C ARG A 149 5.10 -14.52 -6.41
N PHE A 150 6.29 -14.92 -5.99
CA PHE A 150 6.59 -15.09 -4.56
C PHE A 150 6.42 -13.79 -3.79
N TYR A 151 7.05 -12.71 -4.26
CA TYR A 151 6.98 -11.46 -3.52
C TYR A 151 5.58 -10.86 -3.54
N MET A 152 4.88 -10.98 -4.65
CA MET A 152 3.51 -10.48 -4.68
C MET A 152 2.62 -11.27 -3.76
N TYR A 153 2.85 -12.56 -3.64
CA TYR A 153 2.05 -13.37 -2.75
C TYR A 153 2.31 -12.93 -1.31
N GLU A 154 3.58 -12.71 -0.97
CA GLU A 154 3.92 -12.25 0.37
C GLU A 154 3.32 -10.89 0.68
N LEU A 155 3.32 -9.98 -0.29
CA LEU A 155 2.71 -8.67 -0.09
C LEU A 155 1.20 -8.81 0.11
N LEU A 156 0.57 -9.68 -0.67
CA LEU A 156 -0.85 -9.93 -0.54
C LEU A 156 -1.16 -10.43 0.85
N LYS A 157 -0.30 -11.26 1.44
CA LYS A 157 -0.57 -11.72 2.82
C LYS A 157 -0.68 -10.53 3.76
N ALA A 158 0.20 -9.54 3.59
CA ALA A 158 0.14 -8.39 4.49
C ALA A 158 -1.14 -7.59 4.28
N LEU A 159 -1.55 -7.42 3.02
CA LEU A 159 -2.75 -6.64 2.75
C LEU A 159 -3.99 -7.37 3.21
N ASP A 160 -4.09 -8.65 2.91
CA ASP A 160 -5.21 -9.40 3.42
C ASP A 160 -5.26 -9.31 4.93
N TYR A 161 -4.12 -9.35 5.60
CA TYR A 161 -4.15 -9.26 7.06
C TYR A 161 -4.67 -7.88 7.50
N CYS A 162 -4.10 -6.80 6.96
CA CYS A 162 -4.54 -5.50 7.44
C CYS A 162 -6.00 -5.20 7.08
N HIS A 163 -6.45 -5.61 5.90
CA HIS A 163 -7.84 -5.42 5.55
C HIS A 163 -8.74 -6.19 6.49
N SER A 164 -8.33 -7.40 6.87
CA SER A 164 -9.14 -8.19 7.78
C SER A 164 -9.18 -7.56 9.17
N LYS A 165 -8.19 -6.78 9.51
CA LYS A 165 -8.12 -5.99 10.72
C LYS A 165 -8.77 -4.63 10.57
N GLY A 166 -9.46 -4.40 9.46
CA GLY A 166 -10.24 -3.19 9.32
C GLY A 166 -9.43 -1.99 8.91
N ILE A 167 -8.26 -2.19 8.34
CA ILE A 167 -7.33 -1.09 8.08
C ILE A 167 -6.99 -1.05 6.59
N MET A 168 -7.01 0.15 6.01
CA MET A 168 -6.52 0.41 4.67
C MET A 168 -5.13 1.03 4.80
N HIS A 169 -4.16 0.54 4.01
CA HIS A 169 -2.81 1.10 4.11
C HIS A 169 -2.71 2.50 3.46
N ARG A 170 -3.20 2.63 2.24
CA ARG A 170 -3.35 3.90 1.52
C ARG A 170 -2.05 4.46 1.02
N ASP A 171 -0.96 3.71 1.09
CA ASP A 171 0.29 4.20 0.55
C ASP A 171 1.12 3.01 0.07
N VAL A 172 0.49 2.04 -0.59
CA VAL A 172 1.23 0.93 -1.14
C VAL A 172 2.02 1.41 -2.36
N LYS A 173 3.33 1.16 -2.37
CA LYS A 173 4.22 1.56 -3.45
C LYS A 173 5.55 0.81 -3.21
N PRO A 174 6.44 0.73 -4.20
CA PRO A 174 7.69 -0.01 -4.02
C PRO A 174 8.47 0.49 -2.84
N HIS A 175 8.55 1.79 -2.58
CA HIS A 175 9.36 2.27 -1.46
C HIS A 175 8.85 1.76 -0.12
N ASN A 176 7.56 1.41 -0.02
CA ASN A 176 6.96 0.93 1.23
C ASN A 176 6.89 -0.59 1.31
N VAL A 177 7.51 -1.31 0.37
CA VAL A 177 7.51 -2.76 0.38
C VAL A 177 8.96 -3.21 0.42
N MET A 178 9.49 -3.34 1.63
N MET A 178 9.50 -3.29 1.63
CA MET A 178 10.90 -3.66 1.81
CA MET A 178 10.89 -3.66 1.79
C MET A 178 11.17 -5.13 1.61
C MET A 178 11.06 -5.13 1.48
N ILE A 179 12.15 -5.45 0.77
CA ILE A 179 12.45 -6.82 0.38
C ILE A 179 13.92 -7.08 0.62
N ASP A 180 14.21 -8.02 1.51
CA ASP A 180 15.54 -8.59 1.68
C ASP A 180 15.63 -9.78 0.72
N HIS A 181 16.31 -9.57 -0.40
CA HIS A 181 16.29 -10.57 -1.45
C HIS A 181 17.26 -11.71 -1.16
N GLN A 182 18.09 -11.56 -0.16
CA GLN A 182 18.97 -12.67 0.21
C GLN A 182 18.27 -13.64 1.16
N GLN A 183 17.59 -13.11 2.20
CA GLN A 183 16.84 -13.96 3.11
C GLN A 183 15.40 -14.20 2.66
N LYS A 184 14.98 -13.57 1.58
CA LYS A 184 13.63 -13.70 1.05
C LYS A 184 12.59 -13.28 2.08
N LYS A 185 12.77 -12.07 2.59
CA LYS A 185 11.84 -11.50 3.56
C LYS A 185 11.19 -10.26 2.95
N LEU A 186 9.93 -10.04 3.25
CA LEU A 186 9.22 -8.88 2.74
C LEU A 186 8.48 -8.24 3.92
N ARG A 187 8.53 -6.91 4.03
CA ARG A 187 7.73 -6.19 5.03
C ARG A 187 7.04 -4.97 4.42
N LEU A 188 5.75 -4.81 4.66
CA LEU A 188 4.98 -3.62 4.31
C LEU A 188 5.19 -2.61 5.45
N ILE A 189 5.80 -1.47 5.11
CA ILE A 189 6.18 -0.42 6.05
C ILE A 189 5.32 0.83 5.88
N ASP A 190 5.55 1.77 6.78
CA ASP A 190 5.02 3.12 6.78
C ASP A 190 3.51 3.20 6.75
N TRP A 191 2.98 2.98 7.94
CA TRP A 191 1.56 2.99 8.23
C TRP A 191 1.09 4.38 8.61
N GLY A 192 1.87 5.43 8.30
CA GLY A 192 1.50 6.77 8.66
C GLY A 192 0.31 7.36 7.90
N LEU A 193 -0.07 6.79 6.77
CA LEU A 193 -1.28 7.22 6.06
C LEU A 193 -2.46 6.26 6.24
N ALA A 194 -2.26 5.17 6.96
CA ALA A 194 -3.27 4.15 7.07
C ALA A 194 -4.47 4.63 7.89
N GLU A 195 -5.64 4.08 7.60
N GLU A 195 -5.60 3.99 7.71
CA GLU A 195 -6.86 4.46 8.31
CA GLU A 195 -6.82 4.49 8.34
C GLU A 195 -7.71 3.22 8.59
C GLU A 195 -7.81 3.34 8.44
N PHE A 196 -8.67 3.42 9.46
CA PHE A 196 -9.70 2.41 9.71
C PHE A 196 -10.84 2.59 8.73
N TYR A 197 -11.33 1.49 8.18
CA TYR A 197 -12.46 1.50 7.25
C TYR A 197 -13.77 1.42 8.03
N HIS A 198 -14.70 2.34 7.74
CA HIS A 198 -16.04 2.35 8.29
C HIS A 198 -17.00 2.55 7.14
N PRO A 199 -18.02 1.70 6.99
CA PRO A 199 -18.96 1.83 5.87
C PRO A 199 -19.56 3.22 5.78
N ALA A 200 -19.57 3.76 4.58
CA ALA A 200 -20.17 5.06 4.26
C ALA A 200 -19.29 6.23 4.68
N GLN A 201 -18.13 6.00 5.31
CA GLN A 201 -17.28 7.11 5.70
C GLN A 201 -16.62 7.73 4.48
N GLU A 202 -16.53 9.04 4.45
CA GLU A 202 -15.88 9.74 3.34
C GLU A 202 -14.46 10.08 3.77
N TYR A 203 -13.50 9.65 3.01
CA TYR A 203 -12.09 9.79 3.37
C TYR A 203 -11.42 10.87 2.51
N ASN A 204 -10.27 11.36 3.01
CA ASN A 204 -9.46 12.30 2.26
C ASN A 204 -8.83 11.58 1.07
N VAL A 205 -9.00 12.16 -0.12
CA VAL A 205 -8.41 11.56 -1.31
C VAL A 205 -6.93 11.88 -1.49
N ARG A 206 -6.36 12.71 -0.62
CA ARG A 206 -4.94 13.08 -0.72
C ARG A 206 -4.08 12.04 0.01
N VAL A 207 -4.10 10.84 -0.53
CA VAL A 207 -3.31 9.73 -0.01
C VAL A 207 -2.64 9.08 -1.21
N ALA A 208 -1.66 8.20 -0.92
CA ALA A 208 -0.88 7.47 -1.93
C ALA A 208 0.04 8.34 -2.78
N SER A 209 1.09 7.73 -3.28
CA SER A 209 1.96 8.40 -4.23
C SER A 209 1.21 8.52 -5.56
N ARG A 210 1.46 9.62 -6.27
CA ARG A 210 0.80 9.89 -7.55
C ARG A 210 0.65 8.67 -8.42
N TYR A 211 1.74 7.90 -8.59
CA TYR A 211 1.74 6.81 -9.57
C TYR A 211 0.89 5.65 -9.15
N PHE A 212 0.55 5.57 -7.85
CA PHE A 212 -0.19 4.47 -7.26
C PHE A 212 -1.57 4.87 -6.81
N LYS A 213 -2.00 6.07 -7.11
CA LYS A 213 -3.34 6.52 -6.75
C LYS A 213 -4.39 5.79 -7.61
N GLY A 214 -5.42 5.25 -7.00
CA GLY A 214 -6.51 4.65 -7.73
C GLY A 214 -7.33 5.74 -8.43
N PRO A 215 -8.03 5.37 -9.48
CA PRO A 215 -8.94 6.33 -10.15
C PRO A 215 -9.89 7.00 -9.22
N GLU A 216 -10.36 6.29 -8.19
CA GLU A 216 -11.25 6.91 -7.22
C GLU A 216 -10.64 8.16 -6.60
N LEU A 217 -9.35 8.11 -6.26
CA LEU A 217 -8.75 9.31 -5.69
C LEU A 217 -8.63 10.42 -6.73
N LEU A 218 -8.30 10.07 -7.97
CA LEU A 218 -8.05 11.04 -9.03
C LEU A 218 -9.32 11.74 -9.47
N VAL A 219 -10.49 11.15 -9.21
CA VAL A 219 -11.77 11.77 -9.53
C VAL A 219 -12.48 12.24 -8.28
N ASP A 220 -11.81 12.25 -7.13
CA ASP A 220 -12.32 12.84 -5.89
C ASP A 220 -13.49 12.06 -5.32
N TYR A 221 -13.50 10.76 -5.51
CA TYR A 221 -14.53 9.90 -4.91
C TYR A 221 -14.08 9.49 -3.50
N GLN A 222 -14.74 10.02 -2.50
CA GLN A 222 -14.29 9.88 -1.12
C GLN A 222 -14.75 8.61 -0.44
N MET A 223 -15.72 7.90 -0.99
N MET A 223 -15.71 7.92 -1.04
CA MET A 223 -16.27 6.76 -0.25
CA MET A 223 -16.31 6.70 -0.48
C MET A 223 -15.57 5.46 -0.65
C MET A 223 -15.50 5.48 -0.91
N TYR A 224 -14.23 5.45 -0.55
CA TYR A 224 -13.40 4.36 -1.01
C TYR A 224 -13.15 3.38 0.13
N ASP A 225 -12.45 2.29 -0.16
CA ASP A 225 -12.26 1.22 0.82
C ASP A 225 -10.93 0.52 0.58
N TYR A 226 -10.78 -0.67 1.16
CA TYR A 226 -9.57 -1.48 1.02
C TYR A 226 -9.17 -1.68 -0.42
N SER A 227 -10.14 -1.66 -1.34
CA SER A 227 -9.85 -1.87 -2.76
C SER A 227 -8.90 -0.84 -3.33
N LEU A 228 -8.72 0.31 -2.67
CA LEU A 228 -7.71 1.26 -3.12
C LEU A 228 -6.34 0.60 -3.14
N ASP A 229 -6.05 -0.15 -2.08
CA ASP A 229 -4.75 -0.82 -1.98
C ASP A 229 -4.56 -1.84 -3.07
N MET A 230 -5.64 -2.42 -3.56
CA MET A 230 -5.54 -3.42 -4.62
C MET A 230 -5.21 -2.77 -5.95
N TRP A 231 -5.67 -1.52 -6.18
CA TRP A 231 -5.20 -0.78 -7.35
C TRP A 231 -3.69 -0.59 -7.27
N SER A 232 -3.22 -0.12 -6.12
CA SER A 232 -1.80 0.14 -5.99
C SER A 232 -1.01 -1.13 -6.19
N LEU A 233 -1.47 -2.24 -5.65
N LEU A 233 -1.56 -2.26 -5.68
CA LEU A 233 -0.73 -3.48 -5.85
CA LEU A 233 -0.93 -3.57 -5.81
C LEU A 233 -0.75 -3.89 -7.31
C LEU A 233 -0.79 -3.90 -7.28
N GLY A 234 -1.89 -3.69 -8.00
CA GLY A 234 -1.92 -3.97 -9.44
C GLY A 234 -0.89 -3.14 -10.20
N CYS A 235 -0.71 -1.86 -9.79
CA CYS A 235 0.30 -1.06 -10.44
C CYS A 235 1.68 -1.65 -10.23
N MET A 236 1.94 -2.12 -9.02
CA MET A 236 3.23 -2.74 -8.76
C MET A 236 3.41 -4.04 -9.58
N LEU A 237 2.36 -4.87 -9.66
CA LEU A 237 2.44 -6.07 -10.46
C LEU A 237 2.74 -5.73 -11.92
N ALA A 238 2.06 -4.70 -12.47
CA ALA A 238 2.30 -4.37 -13.85
C ALA A 238 3.74 -3.93 -14.03
N SER A 239 4.25 -3.13 -13.08
CA SER A 239 5.62 -2.66 -13.25
C SER A 239 6.62 -3.79 -13.22
N MET A 240 6.33 -4.83 -12.44
N MET A 240 6.30 -4.86 -12.49
CA MET A 240 7.29 -5.92 -12.33
CA MET A 240 7.29 -5.92 -12.33
C MET A 240 7.24 -6.80 -13.57
C MET A 240 7.24 -6.92 -13.47
N ILE A 241 6.05 -7.26 -13.96
CA ILE A 241 5.98 -8.17 -15.09
C ILE A 241 6.33 -7.49 -16.40
N PHE A 242 6.06 -6.18 -16.53
CA PHE A 242 6.36 -5.51 -17.79
C PHE A 242 7.67 -4.75 -17.79
N ARG A 243 8.27 -4.54 -16.62
N ARG A 243 8.29 -4.56 -16.63
CA ARG A 243 9.55 -3.83 -16.44
CA ARG A 243 9.55 -3.83 -16.51
C ARG A 243 9.45 -2.34 -16.75
C ARG A 243 9.37 -2.39 -16.99
N ARG A 244 8.27 -1.75 -16.58
CA ARG A 244 8.04 -0.33 -16.74
C ARG A 244 7.68 0.17 -15.34
N GLU A 245 8.61 0.89 -14.72
CA GLU A 245 8.44 1.32 -13.33
C GLU A 245 8.66 2.81 -13.20
N PRO A 246 7.68 3.58 -12.66
CA PRO A 246 6.31 3.16 -12.42
C PRO A 246 5.58 2.87 -13.73
N PHE A 247 4.51 2.10 -13.59
CA PHE A 247 3.76 1.67 -14.77
C PHE A 247 2.98 2.83 -15.39
N PHE A 248 2.26 3.58 -14.58
CA PHE A 248 1.49 4.75 -15.03
C PHE A 248 2.18 6.02 -14.52
N HIS A 249 2.89 6.71 -15.40
CA HIS A 249 3.81 7.74 -14.95
C HIS A 249 3.28 9.14 -15.25
N GLY A 250 2.31 9.55 -14.46
CA GLY A 250 1.74 10.86 -14.67
C GLY A 250 2.66 11.98 -14.22
N GLN A 251 2.49 13.13 -14.85
CA GLN A 251 3.27 14.31 -14.47
C GLN A 251 2.62 15.14 -13.37
N ASP A 252 1.34 14.93 -13.11
CA ASP A 252 0.56 15.55 -12.05
C ASP A 252 -0.69 14.71 -11.92
N ASN A 253 -1.60 15.06 -11.01
CA ASN A 253 -2.76 14.18 -10.77
C ASN A 253 -3.69 14.09 -11.97
N TYR A 254 -3.84 15.18 -12.71
CA TYR A 254 -4.67 15.15 -13.91
C TYR A 254 -4.09 14.21 -14.94
N ASP A 255 -2.78 14.41 -15.24
CA ASP A 255 -2.11 13.57 -16.20
C ASP A 255 -2.10 12.11 -15.76
N GLN A 256 -2.10 11.87 -14.44
CA GLN A 256 -2.14 10.50 -13.96
C GLN A 256 -3.39 9.78 -14.46
N LEU A 257 -4.54 10.47 -14.37
CA LEU A 257 -5.75 9.80 -14.85
C LEU A 257 -5.71 9.63 -16.36
N VAL A 258 -5.14 10.58 -17.09
CA VAL A 258 -5.02 10.42 -18.54
C VAL A 258 -4.17 9.21 -18.88
N ARG A 259 -3.07 9.03 -18.15
CA ARG A 259 -2.21 7.86 -18.42
C ARG A 259 -2.96 6.57 -18.17
N ILE A 260 -3.80 6.55 -17.14
CA ILE A 260 -4.62 5.36 -16.89
C ILE A 260 -5.64 5.14 -18.01
N ALA A 261 -6.30 6.22 -18.44
CA ALA A 261 -7.32 6.08 -19.46
C ALA A 261 -6.75 5.70 -20.81
N LYS A 262 -5.51 6.05 -21.08
CA LYS A 262 -4.88 5.58 -22.32
C LYS A 262 -4.72 4.06 -22.36
N VAL A 263 -4.78 3.38 -21.23
CA VAL A 263 -4.67 1.92 -21.18
C VAL A 263 -6.04 1.27 -20.98
N LEU A 264 -6.78 1.74 -19.96
N LEU A 264 -6.79 1.74 -19.97
CA LEU A 264 -8.08 1.17 -19.63
CA LEU A 264 -8.08 1.15 -19.66
C LEU A 264 -9.21 1.66 -20.52
C LEU A 264 -9.21 1.66 -20.54
N GLY A 265 -9.01 2.75 -21.25
CA GLY A 265 -10.01 3.30 -22.17
C GLY A 265 -10.93 4.33 -21.54
N THR A 266 -11.37 5.27 -22.36
CA THR A 266 -12.23 6.33 -21.86
C THR A 266 -13.68 5.91 -21.75
N GLU A 267 -14.21 5.09 -22.66
CA GLU A 267 -15.61 4.71 -22.52
C GLU A 267 -15.82 3.99 -21.22
N GLU A 268 -14.84 3.21 -20.83
CA GLU A 268 -14.92 2.45 -19.61
C GLU A 268 -14.86 3.39 -18.39
N LEU A 269 -14.02 4.44 -18.46
CA LEU A 269 -14.00 5.48 -17.42
C LEU A 269 -15.38 6.10 -17.25
N TYR A 270 -15.99 6.50 -18.35
CA TYR A 270 -17.30 7.16 -18.27
C TYR A 270 -18.36 6.25 -17.67
N GLY A 271 -18.29 4.93 -17.94
CA GLY A 271 -19.23 4.01 -17.30
C GLY A 271 -19.04 3.95 -15.80
N TYR A 272 -17.78 3.95 -15.35
CA TYR A 272 -17.49 3.98 -13.92
C TYR A 272 -18.04 5.25 -13.26
N LEU A 273 -17.83 6.41 -13.90
CA LEU A 273 -18.29 7.66 -13.32
C LEU A 273 -19.80 7.66 -13.24
N LYS A 274 -20.46 7.17 -14.28
N LYS A 274 -20.47 7.16 -14.27
CA LYS A 274 -21.92 7.15 -14.26
CA LYS A 274 -21.92 7.16 -14.26
C LYS A 274 -22.44 6.26 -13.13
C LYS A 274 -22.47 6.25 -13.16
N LYS A 275 -21.86 5.08 -12.97
CA LYS A 275 -22.33 4.15 -11.94
C LYS A 275 -22.28 4.77 -10.55
N TYR A 276 -21.24 5.52 -10.24
CA TYR A 276 -21.10 6.08 -8.90
C TYR A 276 -21.54 7.54 -8.81
N HIS A 277 -22.12 8.08 -9.85
CA HIS A 277 -22.59 9.47 -9.87
C HIS A 277 -21.46 10.47 -9.64
N ILE A 278 -20.34 10.26 -10.33
CA ILE A 278 -19.16 11.08 -10.17
C ILE A 278 -19.10 12.08 -11.30
N ASP A 279 -18.83 13.36 -10.98
CA ASP A 279 -18.59 14.35 -12.03
C ASP A 279 -17.10 14.65 -12.08
N LEU A 280 -16.58 14.70 -13.29
CA LEU A 280 -15.18 14.97 -13.51
C LEU A 280 -14.95 16.47 -13.36
N ASP A 281 -13.83 16.81 -12.77
CA ASP A 281 -13.31 18.16 -12.86
C ASP A 281 -13.28 18.59 -14.32
N PRO A 282 -13.82 19.76 -14.67
CA PRO A 282 -13.91 20.15 -16.09
C PRO A 282 -12.57 20.37 -16.77
N HIS A 283 -11.49 20.50 -16.01
CA HIS A 283 -10.19 20.60 -16.66
C HIS A 283 -9.90 19.33 -17.47
N PHE A 284 -10.49 18.21 -17.06
CA PHE A 284 -10.30 16.98 -17.82
C PHE A 284 -10.82 17.10 -19.25
N ASN A 285 -11.81 17.97 -19.49
CA ASN A 285 -12.32 18.12 -20.84
C ASN A 285 -11.19 18.42 -21.83
N ASP A 286 -10.17 19.17 -21.40
CA ASP A 286 -9.17 19.61 -22.35
C ASP A 286 -8.06 18.59 -22.58
N ILE A 287 -8.00 17.52 -21.77
CA ILE A 287 -6.82 16.66 -21.76
C ILE A 287 -7.11 15.18 -21.90
N LEU A 288 -8.32 14.67 -21.66
CA LEU A 288 -8.53 13.21 -21.63
C LEU A 288 -8.51 12.57 -23.01
N GLY A 289 -9.09 13.24 -24.01
CA GLY A 289 -9.13 12.65 -25.34
C GLY A 289 -10.08 11.45 -25.42
N GLN A 290 -9.90 10.64 -26.45
CA GLN A 290 -10.66 9.42 -26.65
C GLN A 290 -9.66 8.29 -26.83
N HIS A 291 -9.80 7.24 -26.02
CA HIS A 291 -8.84 6.15 -26.04
C HIS A 291 -9.57 4.84 -25.96
N SER A 292 -9.24 3.91 -26.86
CA SER A 292 -9.73 2.55 -26.71
C SER A 292 -9.06 1.86 -25.52
N ARG A 293 -9.75 0.86 -24.98
CA ARG A 293 -9.15 -0.05 -24.04
C ARG A 293 -8.09 -0.88 -24.76
N LYS A 294 -6.89 -0.96 -24.18
CA LYS A 294 -5.78 -1.67 -24.79
C LYS A 294 -5.72 -3.10 -24.28
N ARG A 295 -5.27 -4.00 -25.15
CA ARG A 295 -5.00 -5.36 -24.71
C ARG A 295 -3.71 -5.38 -23.88
N TRP A 296 -3.72 -6.12 -22.77
CA TRP A 296 -2.54 -6.18 -21.91
C TRP A 296 -1.35 -6.78 -22.66
N GLU A 297 -1.62 -7.63 -23.64
CA GLU A 297 -0.54 -8.22 -24.41
C GLU A 297 0.26 -7.18 -25.19
N ASN A 298 -0.31 -5.98 -25.40
CA ASN A 298 0.37 -4.91 -26.09
C ASN A 298 1.65 -4.49 -25.35
N PHE A 299 1.76 -4.78 -24.07
CA PHE A 299 2.93 -4.35 -23.29
C PHE A 299 4.05 -5.38 -23.33
N ILE A 300 3.85 -6.53 -23.97
CA ILE A 300 4.86 -7.58 -24.02
C ILE A 300 5.87 -7.27 -25.12
N HIS A 301 7.15 -7.47 -24.82
CA HIS A 301 8.19 -7.45 -25.82
C HIS A 301 9.34 -8.31 -25.33
N SER A 302 10.42 -8.34 -26.11
CA SER A 302 11.46 -9.34 -25.85
C SER A 302 12.06 -9.20 -24.46
N GLU A 303 12.07 -7.97 -23.89
CA GLU A 303 12.72 -7.75 -22.63
C GLU A 303 11.90 -8.22 -21.44
N ASN A 304 10.58 -8.35 -21.58
CA ASN A 304 9.75 -8.80 -20.46
C ASN A 304 9.00 -10.11 -20.72
N ARG A 305 9.18 -10.75 -21.90
CA ARG A 305 8.28 -11.85 -22.25
C ARG A 305 8.38 -13.02 -21.26
N HIS A 306 9.57 -13.23 -20.67
CA HIS A 306 9.75 -14.33 -19.74
C HIS A 306 9.05 -14.10 -18.41
N LEU A 307 8.55 -12.89 -18.14
CA LEU A 307 7.86 -12.61 -16.90
C LEU A 307 6.35 -12.60 -17.06
N VAL A 308 5.84 -12.69 -18.28
CA VAL A 308 4.43 -12.53 -18.58
C VAL A 308 3.89 -13.89 -18.97
N SER A 309 2.74 -14.23 -18.47
CA SER A 309 2.03 -15.47 -18.77
C SER A 309 0.55 -15.14 -18.90
N PRO A 310 -0.27 -16.06 -19.43
CA PRO A 310 -1.73 -15.79 -19.44
C PRO A 310 -2.27 -15.58 -18.06
N GLU A 311 -1.74 -16.31 -17.06
CA GLU A 311 -2.21 -16.16 -15.69
C GLU A 311 -1.84 -14.80 -15.11
N ALA A 312 -0.62 -14.30 -15.39
CA ALA A 312 -0.27 -12.97 -14.92
C ALA A 312 -1.21 -11.91 -15.51
N LEU A 313 -1.51 -12.02 -16.81
CA LEU A 313 -2.35 -11.00 -17.44
C LEU A 313 -3.77 -11.07 -16.92
N ASP A 314 -4.29 -12.27 -16.70
CA ASP A 314 -5.63 -12.39 -16.15
C ASP A 314 -5.71 -11.78 -14.77
N LEU A 315 -4.73 -12.06 -13.92
CA LEU A 315 -4.72 -11.42 -12.61
C LEU A 315 -4.64 -9.89 -12.71
N LEU A 316 -3.72 -9.41 -13.51
CA LEU A 316 -3.57 -7.96 -13.65
C LEU A 316 -4.86 -7.31 -14.13
N ASP A 317 -5.51 -7.94 -15.11
CA ASP A 317 -6.73 -7.40 -15.64
C ASP A 317 -7.81 -7.31 -14.60
N LYS A 318 -7.77 -8.18 -13.56
CA LYS A 318 -8.78 -8.20 -12.50
C LYS A 318 -8.44 -7.28 -11.35
N LEU A 319 -7.25 -6.70 -11.32
CA LEU A 319 -6.82 -5.69 -10.36
C LEU A 319 -6.98 -4.28 -10.88
N LEU A 320 -6.43 -4.03 -12.08
CA LEU A 320 -6.40 -2.67 -12.63
C LEU A 320 -7.73 -2.43 -13.36
N ARG A 321 -8.79 -2.24 -12.56
N ARG A 321 -8.80 -2.25 -12.58
CA ARG A 321 -10.13 -1.90 -13.00
CA ARG A 321 -10.11 -1.90 -13.15
C ARG A 321 -10.50 -0.53 -12.45
C ARG A 321 -10.60 -0.63 -12.47
N TYR A 322 -11.22 0.27 -13.25
CA TYR A 322 -11.72 1.51 -12.69
C TYR A 322 -12.62 1.27 -11.49
N ASP A 323 -13.55 0.33 -11.64
CA ASP A 323 -14.59 0.09 -10.63
C ASP A 323 -13.99 -0.63 -9.42
N HIS A 324 -13.76 0.12 -8.36
CA HIS A 324 -13.12 -0.39 -7.18
C HIS A 324 -13.84 -1.62 -6.62
N GLN A 325 -15.17 -1.69 -6.77
CA GLN A 325 -15.94 -2.83 -6.27
C GLN A 325 -15.70 -4.10 -7.04
N GLN A 326 -15.22 -4.00 -8.27
CA GLN A 326 -14.98 -5.17 -9.09
C GLN A 326 -13.54 -5.66 -9.01
N ARG A 327 -12.64 -4.92 -8.44
CA ARG A 327 -11.28 -5.41 -8.28
C ARG A 327 -11.25 -6.63 -7.35
N LEU A 328 -10.33 -7.56 -7.62
CA LEU A 328 -10.16 -8.67 -6.67
C LEU A 328 -9.85 -8.15 -5.26
N THR A 329 -10.33 -8.85 -4.26
CA THR A 329 -9.85 -8.63 -2.89
C THR A 329 -8.47 -9.25 -2.76
N ALA A 330 -7.74 -8.88 -1.70
CA ALA A 330 -6.42 -9.49 -1.52
C ALA A 330 -6.51 -11.01 -1.47
N LYS A 331 -7.53 -11.53 -0.80
CA LYS A 331 -7.71 -12.96 -0.71
C LYS A 331 -7.99 -13.58 -2.08
N GLU A 332 -8.88 -12.97 -2.86
CA GLU A 332 -9.17 -13.51 -4.18
C GLU A 332 -7.92 -13.47 -5.06
N ALA A 333 -7.14 -12.42 -4.93
CA ALA A 333 -5.88 -12.38 -5.66
C ALA A 333 -4.97 -13.51 -5.21
N MET A 334 -4.84 -13.77 -3.91
CA MET A 334 -3.98 -14.85 -3.45
C MET A 334 -4.44 -16.18 -3.99
N GLU A 335 -5.75 -16.38 -4.15
CA GLU A 335 -6.33 -17.59 -4.67
C GLU A 335 -6.15 -17.77 -6.17
N HIS A 336 -5.66 -16.76 -6.88
CA HIS A 336 -5.59 -16.84 -8.34
C HIS A 336 -4.56 -17.88 -8.77
N PRO A 337 -4.80 -18.56 -9.89
CA PRO A 337 -3.78 -19.49 -10.42
C PRO A 337 -2.37 -18.97 -10.60
N TYR A 338 -2.21 -17.68 -10.82
CA TYR A 338 -0.86 -17.12 -10.92
C TYR A 338 0.01 -17.52 -9.73
N PHE A 339 -0.59 -17.68 -8.55
CA PHE A 339 0.19 -18.02 -7.36
C PHE A 339 0.27 -19.50 -7.08
N TYR A 340 -0.36 -20.34 -7.90
CA TYR A 340 -0.29 -21.77 -7.61
C TYR A 340 1.15 -22.26 -7.50
N PRO A 341 2.10 -21.84 -8.35
CA PRO A 341 3.47 -22.34 -8.15
C PRO A 341 4.07 -21.96 -6.80
N VAL A 342 3.69 -20.81 -6.24
CA VAL A 342 4.21 -20.41 -4.93
C VAL A 342 3.58 -21.26 -3.83
N VAL A 343 2.25 -21.40 -3.86
CA VAL A 343 1.54 -22.23 -2.88
C VAL A 343 2.15 -23.61 -2.85
N LYS A 344 2.33 -24.19 -4.03
CA LYS A 344 2.91 -25.53 -4.13
C LYS A 344 4.28 -25.60 -3.44
N GLU A 345 5.11 -24.57 -3.63
CA GLU A 345 6.42 -24.58 -3.02
C GLU A 345 6.34 -24.38 -1.50
N GLN A 346 5.36 -23.60 -1.03
CA GLN A 346 5.28 -23.34 0.40
C GLN A 346 4.77 -24.54 1.19
N SER A 347 4.25 -25.56 0.50
CA SER A 347 3.71 -26.76 1.13
C SER A 347 4.74 -27.89 1.15
#